data_5AL3
#
_entry.id   5AL3
#
_cell.length_a   90.620
_cell.length_b   98.570
_cell.length_c   118.760
_cell.angle_alpha   90.00
_cell.angle_beta   90.00
_cell.angle_gamma   90.00
#
_symmetry.space_group_name_H-M   'C 2 2 21'
#
loop_
_entity.id
_entity.type
_entity.pdbx_description
1 polymer 'TANKYRASE 2'
2 non-polymer 'ZINC ION'
3 non-polymer 'SULFATE ION'
4 non-polymer GLYCEROL
5 non-polymer (2R)-2-(2,4-dichlorophenyl)-1-methyl-2,3-dihydropyrido[2,3-d]pyrimidin-4-one
6 water water
#
_entity_poly.entity_id   1
_entity_poly.type   'polypeptide(L)'
_entity_poly.pdbx_seq_one_letter_code
;MHHHHHHSSGVDLGTENLYFQSMLNTSGSGTILIDLSPDDKEFQSVEEEMQSTVREHRDGGHAGGIFNRYNILKIQKVCN
KKLWERYTHRRKEVSEENHNHANERMLFHGSPFVNAIIHKGFDERHAYIGGMFGAGIYFAENSSKSNQYVYGIGGGTGCP
VHKDRSCYICHRQLLFCRVTLGKSFLQFSAMKMAHSPPGHHSVTGRPSVNGLALAEYVIYRGEQAYPEYLITYQIMRPEG
;
_entity_poly.pdbx_strand_id   A,B
#
loop_
_chem_comp.id
_chem_comp.type
_chem_comp.name
_chem_comp.formula
GOL non-polymer GLYCEROL 'C3 H8 O3'
SO4 non-polymer 'SULFATE ION' 'O4 S -2'
TGW non-polymer (2R)-2-(2,4-dichlorophenyl)-1-methyl-2,3-dihydropyrido[2,3-d]pyrimidin-4-one 'C14 H11 Cl2 N3 O'
ZN non-polymer 'ZINC ION' 'Zn 2'
#
# COMPACT_ATOMS: atom_id res chain seq x y z
N GLY A 30 -3.23 15.57 -33.80
CA GLY A 30 -4.13 14.91 -34.74
C GLY A 30 -5.16 14.03 -34.08
N THR A 31 -5.49 14.30 -32.83
CA THR A 31 -6.57 13.56 -32.16
C THR A 31 -7.92 14.16 -32.44
N ILE A 32 -8.87 13.33 -32.82
CA ILE A 32 -10.26 13.70 -32.78
C ILE A 32 -11.01 12.81 -31.81
N LEU A 33 -12.02 13.39 -31.20
CA LEU A 33 -12.88 12.70 -30.25
C LEU A 33 -14.24 12.54 -30.88
N ILE A 34 -14.70 11.30 -30.95
CA ILE A 34 -16.01 10.97 -31.46
C ILE A 34 -16.95 10.50 -30.36
N ASP A 35 -18.06 11.21 -30.14
CA ASP A 35 -19.05 10.85 -29.13
C ASP A 35 -19.75 9.59 -29.50
N LEU A 36 -19.93 8.69 -28.55
CA LEU A 36 -20.74 7.50 -28.76
C LEU A 36 -22.14 7.76 -28.29
N SER A 37 -23.14 7.21 -28.99
CA SER A 37 -24.49 7.28 -28.52
C SER A 37 -24.70 6.31 -27.37
N PRO A 38 -25.53 6.69 -26.37
CA PRO A 38 -25.89 5.74 -25.32
C PRO A 38 -26.64 4.50 -25.83
N ASP A 39 -27.20 4.59 -27.02
CA ASP A 39 -27.88 3.46 -27.66
C ASP A 39 -26.90 2.51 -28.30
N ASP A 40 -25.64 2.92 -28.45
CA ASP A 40 -24.63 2.12 -29.16
C ASP A 40 -24.14 1.01 -28.22
N LYS A 41 -24.05 -0.21 -28.74
CA LYS A 41 -23.54 -1.34 -27.93
C LYS A 41 -22.15 -1.07 -27.33
N GLU A 42 -21.34 -0.33 -28.04
CA GLU A 42 -20.01 0.03 -27.59
C GLU A 42 -20.06 0.97 -26.37
N PHE A 43 -20.92 1.98 -26.41
CA PHE A 43 -21.17 2.78 -25.23
C PHE A 43 -21.57 1.89 -24.06
N GLN A 44 -22.54 1.00 -24.30
CA GLN A 44 -23.09 0.20 -23.23
C GLN A 44 -22.07 -0.75 -22.61
N SER A 45 -21.21 -1.36 -23.43
CA SER A 45 -20.21 -2.30 -22.90
C SER A 45 -19.13 -1.59 -22.08
N VAL A 46 -18.75 -0.39 -22.52
CA VAL A 46 -17.77 0.42 -21.77
C VAL A 46 -18.38 0.92 -20.45
N GLU A 47 -19.61 1.46 -20.49
CA GLU A 47 -20.29 1.85 -19.25
C GLU A 47 -20.37 0.67 -18.29
N GLU A 48 -20.76 -0.51 -18.76
CA GLU A 48 -20.87 -1.68 -17.85
C GLU A 48 -19.52 -2.01 -17.17
N GLU A 49 -18.42 -1.91 -17.92
CA GLU A 49 -17.10 -2.21 -17.32
C GLU A 49 -16.77 -1.17 -16.24
N MET A 50 -17.05 0.10 -16.53
CA MET A 50 -16.92 1.19 -15.53
C MET A 50 -17.76 0.94 -14.25
N GLN A 51 -19.05 0.70 -14.39
CA GLN A 51 -19.93 0.55 -13.26
C GLN A 51 -19.64 -0.71 -12.44
N SER A 52 -19.35 -1.81 -13.13
CA SER A 52 -19.27 -3.10 -12.50
C SER A 52 -17.99 -3.32 -11.74
N THR A 53 -16.99 -2.46 -11.96
CA THR A 53 -15.69 -2.60 -11.31
C THR A 53 -15.45 -1.55 -10.21
N VAL A 54 -16.50 -0.91 -9.74
CA VAL A 54 -16.43 -0.12 -8.50
C VAL A 54 -16.28 -1.05 -7.30
N ARG A 55 -15.37 -0.70 -6.39
CA ARG A 55 -15.25 -1.43 -5.12
C ARG A 55 -15.01 -0.44 -4.00
N GLU A 56 -15.07 -0.93 -2.76
CA GLU A 56 -14.67 -0.10 -1.60
C GLU A 56 -13.17 -0.07 -1.49
N HIS A 57 -12.65 1.04 -0.98
CA HIS A 57 -11.23 1.29 -0.88
C HIS A 57 -10.84 1.43 0.57
N ARG A 58 -9.59 1.08 0.84
CA ARG A 58 -9.09 0.99 2.23
C ARG A 58 -8.98 2.34 2.89
N ASP A 59 -8.95 3.44 2.09
CA ASP A 59 -8.97 4.77 2.65
C ASP A 59 -10.35 5.32 2.97
N GLY A 60 -11.38 4.48 2.90
CA GLY A 60 -12.74 4.89 3.21
C GLY A 60 -13.30 5.98 2.31
N GLY A 61 -12.71 6.18 1.13
CA GLY A 61 -13.15 7.25 0.24
C GLY A 61 -12.30 8.51 0.25
N HIS A 62 -11.20 8.52 1.01
CA HIS A 62 -10.39 9.71 1.17
C HIS A 62 -9.91 10.27 -0.15
N ALA A 63 -9.33 9.42 -1.01
CA ALA A 63 -8.70 9.90 -2.24
C ALA A 63 -9.72 10.17 -3.33
N GLY A 64 -10.66 9.24 -3.49
CA GLY A 64 -11.57 9.21 -4.64
C GLY A 64 -12.99 9.66 -4.37
N GLY A 65 -13.36 9.74 -3.09
CA GLY A 65 -14.71 10.08 -2.71
C GLY A 65 -15.53 8.86 -2.33
N ILE A 66 -16.72 9.13 -1.81
CA ILE A 66 -17.62 8.09 -1.37
C ILE A 66 -18.76 7.89 -2.37
N PHE A 67 -18.84 6.67 -2.93
CA PHE A 67 -19.82 6.39 -3.97
C PHE A 67 -19.88 4.91 -4.24
N ASN A 68 -21.01 4.46 -4.76
CA ASN A 68 -21.18 3.07 -5.23
C ASN A 68 -21.33 2.94 -6.73
N ARG A 69 -21.60 4.06 -7.42
CA ARG A 69 -21.80 4.05 -8.83
C ARG A 69 -21.55 5.45 -9.40
N TYR A 70 -21.50 5.52 -10.71
CA TYR A 70 -21.25 6.74 -11.44
C TYR A 70 -22.49 7.18 -12.24
N ASN A 71 -22.54 8.49 -12.48
CA ASN A 71 -23.37 9.05 -13.54
C ASN A 71 -22.51 9.29 -14.75
N ILE A 72 -22.68 8.46 -15.79
CA ILE A 72 -21.87 8.60 -16.98
C ILE A 72 -22.49 9.68 -17.83
N LEU A 73 -21.69 10.66 -18.18
CA LEU A 73 -22.16 11.84 -18.93
C LEU A 73 -21.85 11.71 -20.43
N LYS A 74 -20.68 11.16 -20.76
CA LYS A 74 -20.26 11.04 -22.13
C LYS A 74 -19.20 9.95 -22.23
N ILE A 75 -19.22 9.18 -23.33
CA ILE A 75 -18.12 8.34 -23.69
C ILE A 75 -17.68 8.67 -25.12
N GLN A 76 -16.43 9.03 -25.28
CA GLN A 76 -15.87 9.39 -26.58
C GLN A 76 -14.77 8.43 -27.00
N LYS A 77 -14.75 8.09 -28.30
CA LYS A 77 -13.65 7.32 -28.88
CA LYS A 77 -13.66 7.33 -28.89
C LYS A 77 -12.56 8.29 -29.22
N VAL A 78 -11.33 7.92 -28.87
CA VAL A 78 -10.13 8.72 -29.14
C VAL A 78 -9.49 8.16 -30.38
N CYS A 79 -9.39 8.99 -31.41
CA CYS A 79 -8.88 8.58 -32.73
CA CYS A 79 -8.91 8.57 -32.74
C CYS A 79 -7.68 9.41 -33.07
N ASN A 80 -6.53 8.74 -33.16
CA ASN A 80 -5.29 9.35 -33.57
C ASN A 80 -4.47 8.29 -34.29
N LYS A 81 -4.35 8.45 -35.61
CA LYS A 81 -3.70 7.46 -36.44
C LYS A 81 -2.21 7.26 -36.07
N LYS A 82 -1.47 8.31 -35.85
CA LYS A 82 -0.06 8.16 -35.46
C LYS A 82 0.13 7.47 -34.10
N LEU A 83 -0.67 7.84 -33.09
CA LEU A 83 -0.60 7.17 -31.81
C LEU A 83 -1.01 5.69 -31.93
N TRP A 84 -2.01 5.39 -32.76
CA TRP A 84 -2.46 4.01 -32.96
C TRP A 84 -1.34 3.18 -33.59
N GLU A 85 -0.67 3.73 -34.59
CA GLU A 85 0.41 3.03 -35.26
C GLU A 85 1.60 2.82 -34.36
N ARG A 86 1.88 3.78 -33.49
CA ARG A 86 2.92 3.65 -32.48
C ARG A 86 2.58 2.45 -31.53
N TYR A 87 1.33 2.39 -31.12
CA TYR A 87 0.86 1.28 -30.27
C TYR A 87 0.99 -0.07 -31.01
N THR A 88 0.43 -0.18 -32.21
CA THR A 88 0.42 -1.47 -32.91
C THR A 88 1.82 -1.92 -33.30
N HIS A 89 2.72 -0.97 -33.59
CA HIS A 89 4.12 -1.34 -33.84
C HIS A 89 4.75 -2.02 -32.61
N ARG A 90 4.58 -1.39 -31.46
CA ARG A 90 5.13 -1.95 -30.23
C ARG A 90 4.44 -3.28 -29.88
N ARG A 91 3.13 -3.35 -30.09
CA ARG A 91 2.36 -4.56 -29.85
C ARG A 91 2.92 -5.75 -30.63
N LYS A 92 3.28 -5.51 -31.89
CA LYS A 92 3.85 -6.54 -32.73
C LYS A 92 5.22 -6.97 -32.21
N GLU A 93 6.06 -6.04 -31.77
CA GLU A 93 7.35 -6.41 -31.20
C GLU A 93 7.18 -7.30 -29.97
N VAL A 94 6.29 -6.89 -29.08
CA VAL A 94 6.06 -7.68 -27.86
C VAL A 94 5.52 -9.06 -28.20
N SER A 95 4.54 -9.10 -29.07
CA SER A 95 3.93 -10.35 -29.48
C SER A 95 5.00 -11.30 -30.02
N GLU A 96 5.91 -10.78 -30.85
CA GLU A 96 6.92 -11.65 -31.40
C GLU A 96 7.96 -12.13 -30.39
N GLU A 97 8.12 -11.42 -29.28
CA GLU A 97 8.95 -11.83 -28.14
C GLU A 97 8.23 -12.78 -27.16
N ASN A 98 6.96 -13.05 -27.41
CA ASN A 98 6.11 -13.76 -26.44
C ASN A 98 5.19 -14.73 -27.17
N HIS A 99 5.75 -15.62 -27.99
CA HIS A 99 5.00 -16.65 -28.73
C HIS A 99 3.68 -16.14 -29.36
N ASN A 100 3.81 -15.03 -30.08
CA ASN A 100 2.71 -14.42 -30.80
C ASN A 100 1.53 -14.04 -29.89
N HIS A 101 1.86 -13.62 -28.69
CA HIS A 101 0.84 -13.27 -27.71
C HIS A 101 1.12 -11.92 -27.09
N ALA A 102 0.35 -10.92 -27.49
CA ALA A 102 0.53 -9.57 -26.94
C ALA A 102 0.04 -9.47 -25.51
N ASN A 103 -0.86 -10.37 -25.09
CA ASN A 103 -1.50 -10.29 -23.75
C ASN A 103 -2.11 -8.90 -23.55
N GLU A 104 -3.01 -8.54 -24.46
CA GLU A 104 -3.66 -7.24 -24.47
C GLU A 104 -4.88 -7.22 -23.58
N ARG A 105 -5.00 -6.14 -22.82
CA ARG A 105 -6.10 -5.94 -21.90
C ARG A 105 -6.73 -4.55 -22.13
N MET A 106 -7.93 -4.35 -21.61
CA MET A 106 -8.58 -3.05 -21.56
C MET A 106 -8.65 -2.65 -20.09
N LEU A 107 -7.96 -1.56 -19.76
CA LEU A 107 -7.77 -1.15 -18.36
C LEU A 107 -8.00 0.32 -18.18
N PHE A 108 -8.32 0.70 -16.96
CA PHE A 108 -8.56 2.10 -16.66
C PHE A 108 -7.30 2.87 -16.28
N HIS A 109 -7.30 4.16 -16.59
CA HIS A 109 -6.24 5.07 -16.19
C HIS A 109 -6.84 6.42 -15.82
N GLY A 110 -6.56 6.87 -14.61
CA GLY A 110 -6.97 8.20 -14.15
C GLY A 110 -5.74 9.02 -13.89
N SER A 111 -5.78 10.30 -14.26
CA SER A 111 -4.59 11.13 -14.12
C SER A 111 -4.95 12.57 -14.36
N PRO A 112 -4.26 13.50 -13.67
CA PRO A 112 -4.44 14.91 -14.09
C PRO A 112 -3.92 15.19 -15.49
N PHE A 113 -3.21 14.23 -16.10
CA PHE A 113 -2.62 14.40 -17.43
C PHE A 113 -3.50 13.86 -18.57
N VAL A 114 -4.74 13.52 -18.29
CA VAL A 114 -5.55 12.86 -19.31
CA VAL A 114 -5.65 12.91 -19.27
C VAL A 114 -5.70 13.72 -20.57
N ASN A 115 -5.88 15.04 -20.44
CA ASN A 115 -5.96 15.87 -21.66
C ASN A 115 -4.66 15.86 -22.47
N ALA A 116 -3.50 15.82 -21.83
CA ALA A 116 -2.25 15.66 -22.57
C ALA A 116 -2.10 14.29 -23.22
N ILE A 117 -2.51 13.27 -22.48
CA ILE A 117 -2.34 11.90 -22.95
C ILE A 117 -3.13 11.67 -24.23
N ILE A 118 -4.36 12.19 -24.32
CA ILE A 118 -5.17 11.87 -25.48
C ILE A 118 -4.61 12.59 -26.73
N HIS A 119 -3.86 13.66 -26.52
CA HIS A 119 -3.26 14.41 -27.65
C HIS A 119 -1.88 13.97 -28.04
N LYS A 120 -1.07 13.60 -27.05
CA LYS A 120 0.35 13.32 -27.24
C LYS A 120 0.72 11.86 -27.06
N GLY A 121 -0.19 11.07 -26.49
CA GLY A 121 0.13 9.67 -26.18
C GLY A 121 0.73 9.56 -24.78
N PHE A 122 0.82 8.35 -24.25
CA PHE A 122 1.50 8.14 -23.00
C PHE A 122 3.01 8.25 -23.17
N ASP A 123 3.68 8.86 -22.21
CA ASP A 123 5.15 8.87 -22.18
C ASP A 123 5.67 9.05 -20.75
N GLU A 124 7.00 9.07 -20.59
N GLU A 124 7.00 9.11 -20.62
CA GLU A 124 7.62 9.15 -19.26
CA GLU A 124 7.67 9.21 -19.30
C GLU A 124 7.14 10.33 -18.39
C GLU A 124 7.13 10.31 -18.40
N ARG A 125 6.65 11.40 -19.00
CA ARG A 125 6.08 12.53 -18.23
C ARG A 125 4.81 12.17 -17.49
N HIS A 126 4.18 11.05 -17.85
CA HIS A 126 2.92 10.64 -17.25
C HIS A 126 3.08 9.53 -16.23
N ALA A 127 4.33 9.13 -15.98
CA ALA A 127 4.61 8.03 -15.04
C ALA A 127 4.46 8.48 -13.60
N TYR A 128 4.20 7.53 -12.70
CA TYR A 128 4.14 7.78 -11.28
C TYR A 128 5.50 7.39 -10.70
N ILE A 129 6.32 8.38 -10.40
CA ILE A 129 7.71 8.11 -10.04
C ILE A 129 7.74 7.32 -8.73
N GLY A 130 6.83 7.64 -7.81
CA GLY A 130 6.80 6.99 -6.50
C GLY A 130 5.99 5.72 -6.39
N GLY A 131 5.56 5.16 -7.52
CA GLY A 131 4.76 3.95 -7.47
C GLY A 131 5.46 2.76 -6.82
N MET A 132 4.68 1.82 -6.33
CA MET A 132 5.25 0.69 -5.59
C MET A 132 6.01 -0.32 -6.44
N PHE A 133 5.78 -0.28 -7.76
CA PHE A 133 6.51 -1.08 -8.70
C PHE A 133 7.46 -0.25 -9.52
N GLY A 134 7.91 0.88 -8.96
CA GLY A 134 8.86 1.74 -9.66
C GLY A 134 8.21 2.76 -10.58
N ALA A 135 9.03 3.61 -11.17
CA ALA A 135 8.53 4.68 -12.02
C ALA A 135 8.00 4.05 -13.30
N GLY A 136 6.69 4.08 -13.47
CA GLY A 136 6.05 3.52 -14.64
C GLY A 136 4.65 4.07 -14.82
N ILE A 137 3.95 3.56 -15.82
CA ILE A 137 2.59 4.00 -16.08
C ILE A 137 1.64 2.91 -15.58
N TYR A 138 0.79 3.26 -14.62
CA TYR A 138 -0.05 2.31 -13.88
C TYR A 138 -1.46 2.30 -14.44
N PHE A 139 -2.08 1.11 -14.44
CA PHE A 139 -3.43 0.91 -14.93
C PHE A 139 -4.17 0.03 -13.94
N ALA A 140 -5.50 0.14 -13.90
CA ALA A 140 -6.31 -0.62 -12.99
C ALA A 140 -7.47 -1.36 -13.67
N GLU A 141 -7.76 -2.56 -13.15
CA GLU A 141 -9.00 -3.26 -13.46
C GLU A 141 -10.23 -2.61 -12.79
N ASN A 142 -10.06 -2.09 -11.58
CA ASN A 142 -11.13 -1.41 -10.86
C ASN A 142 -11.19 0.05 -11.31
N SER A 143 -12.30 0.42 -11.95
CA SER A 143 -12.47 1.83 -12.30
C SER A 143 -12.34 2.74 -11.08
N SER A 144 -12.84 2.32 -9.92
CA SER A 144 -12.74 3.12 -8.72
C SER A 144 -11.31 3.33 -8.23
N LYS A 145 -10.39 2.41 -8.53
CA LYS A 145 -8.98 2.65 -8.25
C LYS A 145 -8.42 3.82 -9.11
N SER A 146 -8.67 3.78 -10.42
CA SER A 146 -8.28 4.92 -11.29
C SER A 146 -8.94 6.24 -10.88
N ASN A 147 -10.19 6.18 -10.40
CA ASN A 147 -10.90 7.38 -9.96
C ASN A 147 -10.15 8.08 -8.80
N GLN A 148 -9.36 7.33 -8.02
CA GLN A 148 -8.62 7.93 -6.92
C GLN A 148 -7.56 8.91 -7.39
N TYR A 149 -7.15 8.83 -8.65
CA TYR A 149 -6.05 9.60 -9.18
C TYR A 149 -6.43 10.71 -10.15
N VAL A 150 -7.71 10.88 -10.42
CA VAL A 150 -8.23 11.91 -11.36
CA VAL A 150 -8.14 11.90 -11.41
C VAL A 150 -7.70 13.32 -11.00
N TYR A 151 -7.65 13.60 -9.71
CA TYR A 151 -7.21 14.90 -9.21
C TYR A 151 -5.78 14.87 -8.65
N GLY A 152 -5.03 13.81 -8.94
CA GLY A 152 -3.64 13.69 -8.56
C GLY A 152 -3.38 12.49 -7.67
N ILE A 153 -2.12 12.29 -7.33
CA ILE A 153 -1.72 11.26 -6.39
C ILE A 153 -2.45 11.50 -5.06
N GLY A 154 -3.09 10.47 -4.51
CA GLY A 154 -3.85 10.59 -3.27
C GLY A 154 -5.11 11.41 -3.39
N GLY A 155 -5.54 11.66 -4.62
CA GLY A 155 -6.63 12.59 -4.90
C GLY A 155 -6.27 14.07 -4.87
N GLY A 156 -4.97 14.38 -4.73
CA GLY A 156 -4.50 15.76 -4.58
C GLY A 156 -5.33 16.55 -3.60
N THR A 157 -5.78 17.73 -4.03
CA THR A 157 -6.70 18.55 -3.23
C THR A 157 -8.17 18.49 -3.71
N GLY A 158 -8.49 17.47 -4.47
CA GLY A 158 -9.83 17.35 -4.97
C GLY A 158 -10.04 18.24 -6.16
N CYS A 159 -11.30 18.48 -6.47
CA CYS A 159 -11.65 19.18 -7.68
C CYS A 159 -11.12 20.61 -7.66
N PRO A 160 -10.79 21.17 -8.82
CA PRO A 160 -10.24 22.55 -8.76
C PRO A 160 -11.25 23.63 -8.32
N VAL A 161 -12.53 23.39 -8.54
CA VAL A 161 -13.59 24.35 -8.19
C VAL A 161 -13.88 24.40 -6.68
N HIS A 162 -14.07 23.23 -6.05
CA HIS A 162 -14.53 23.17 -4.66
C HIS A 162 -13.49 22.61 -3.69
N LYS A 163 -12.33 22.19 -4.20
CA LYS A 163 -11.27 21.52 -3.41
C LYS A 163 -11.85 20.36 -2.62
N ASP A 164 -12.62 19.51 -3.29
CA ASP A 164 -13.36 18.46 -2.61
C ASP A 164 -13.01 17.16 -3.34
N ARG A 165 -12.28 16.26 -2.69
CA ARG A 165 -12.01 14.94 -3.28
C ARG A 165 -13.27 14.09 -3.48
N SER A 166 -14.36 14.37 -2.75
CA SER A 166 -15.61 13.64 -2.96
C SER A 166 -16.66 14.50 -3.65
N CYS A 167 -16.23 15.39 -4.52
CA CYS A 167 -17.17 16.29 -5.17
C CYS A 167 -18.15 15.49 -6.01
N TYR A 168 -19.43 15.77 -5.81
CA TYR A 168 -20.51 15.14 -6.58
C TYR A 168 -21.01 16.00 -7.75
N ILE A 169 -20.47 17.20 -7.87
CA ILE A 169 -20.91 18.16 -8.88
C ILE A 169 -20.00 18.15 -10.10
N CYS A 170 -18.70 18.26 -9.86
CA CYS A 170 -17.72 18.44 -10.90
C CYS A 170 -17.57 17.17 -11.76
N HIS A 171 -17.31 17.40 -13.04
CA HIS A 171 -17.13 16.36 -14.04
C HIS A 171 -15.70 15.83 -14.00
N ARG A 172 -15.59 14.51 -13.93
CA ARG A 172 -14.34 13.84 -13.90
C ARG A 172 -14.15 13.11 -15.20
N GLN A 173 -12.91 12.81 -15.53
CA GLN A 173 -12.63 12.00 -16.71
C GLN A 173 -11.69 10.85 -16.40
N LEU A 174 -11.95 9.70 -17.00
CA LEU A 174 -11.06 8.54 -16.92
C LEU A 174 -10.79 8.10 -18.37
N LEU A 175 -9.64 7.44 -18.58
CA LEU A 175 -9.38 6.72 -19.83
C LEU A 175 -9.60 5.23 -19.70
N PHE A 176 -10.21 4.63 -20.71
CA PHE A 176 -10.27 3.14 -20.82
C PHE A 176 -9.37 2.76 -21.97
N CYS A 177 -8.25 2.12 -21.66
CA CYS A 177 -7.12 2.03 -22.52
C CYS A 177 -6.86 0.61 -22.95
N ARG A 178 -6.31 0.48 -24.14
CA ARG A 178 -5.81 -0.79 -24.65
C ARG A 178 -4.34 -0.90 -24.26
N VAL A 179 -4.01 -1.96 -23.52
CA VAL A 179 -2.70 -2.12 -22.92
C VAL A 179 -2.08 -3.45 -23.28
N THR A 180 -0.85 -3.39 -23.78
CA THR A 180 -0.06 -4.58 -24.08
C THR A 180 0.76 -4.98 -22.87
N LEU A 181 0.45 -6.13 -22.27
CA LEU A 181 1.25 -6.59 -21.11
C LEU A 181 2.41 -7.52 -21.47
N GLY A 182 2.34 -8.20 -22.61
CA GLY A 182 3.29 -9.23 -22.93
C GLY A 182 3.49 -10.22 -21.78
N LYS A 183 4.75 -10.61 -21.56
CA LYS A 183 5.12 -11.42 -20.42
C LYS A 183 5.18 -10.58 -19.18
N SER A 184 4.24 -10.77 -18.27
CA SER A 184 4.11 -9.90 -17.13
C SER A 184 4.73 -10.51 -15.89
N PHE A 185 5.50 -9.73 -15.17
CA PHE A 185 6.11 -10.16 -13.90
C PHE A 185 5.08 -10.09 -12.78
N LEU A 186 4.79 -11.22 -12.13
CA LEU A 186 3.77 -11.25 -11.11
C LEU A 186 4.34 -10.90 -9.74
N GLN A 187 3.84 -9.82 -9.16
CA GLN A 187 4.12 -9.43 -7.75
C GLN A 187 2.92 -9.67 -6.89
N PHE A 188 3.08 -10.47 -5.84
CA PHE A 188 2.00 -10.71 -4.88
C PHE A 188 2.14 -9.58 -3.87
N SER A 189 1.13 -8.77 -3.66
CA SER A 189 1.36 -7.56 -2.84
C SER A 189 0.20 -7.22 -1.93
N ALA A 190 0.49 -6.45 -0.88
CA ALA A 190 -0.55 -5.93 0.02
C ALA A 190 -0.99 -4.54 -0.43
N MET A 193 11.62 6.99 -16.38
CA MET A 193 10.91 5.71 -16.20
C MET A 193 11.86 4.53 -15.91
N ALA A 194 11.45 3.63 -15.02
CA ALA A 194 12.24 2.43 -14.74
C ALA A 194 12.18 1.45 -15.92
N HIS A 195 12.86 0.33 -15.81
CA HIS A 195 12.81 -0.72 -16.83
C HIS A 195 11.90 -1.82 -16.30
N SER A 196 11.23 -2.55 -17.20
CA SER A 196 10.59 -3.80 -16.84
C SER A 196 11.63 -4.74 -16.27
N PRO A 197 11.23 -5.66 -15.40
CA PRO A 197 12.19 -6.69 -14.99
C PRO A 197 12.74 -7.42 -16.23
N PRO A 198 14.03 -7.79 -16.20
CA PRO A 198 14.60 -8.50 -17.35
C PRO A 198 13.74 -9.68 -17.79
N GLY A 199 13.49 -9.80 -19.08
CA GLY A 199 12.72 -10.93 -19.58
C GLY A 199 11.20 -10.70 -19.55
N HIS A 200 10.75 -9.52 -19.14
CA HIS A 200 9.32 -9.20 -18.98
C HIS A 200 8.97 -7.88 -19.66
N HIS A 201 7.69 -7.70 -19.95
CA HIS A 201 7.19 -6.48 -20.63
C HIS A 201 6.32 -5.58 -19.79
N SER A 202 6.00 -6.03 -18.59
CA SER A 202 5.11 -5.34 -17.67
C SER A 202 5.25 -5.98 -16.29
N VAL A 203 4.62 -5.37 -15.29
CA VAL A 203 4.46 -5.92 -13.97
C VAL A 203 2.98 -6.01 -13.63
N THR A 204 2.58 -7.10 -12.99
CA THR A 204 1.22 -7.25 -12.47
C THR A 204 1.26 -7.22 -10.95
N GLY A 205 0.48 -6.32 -10.37
CA GLY A 205 0.29 -6.23 -8.96
C GLY A 205 -0.92 -7.02 -8.57
N ARG A 206 -0.69 -8.24 -8.08
CA ARG A 206 -1.77 -9.09 -7.59
CA ARG A 206 -1.76 -9.11 -7.59
C ARG A 206 -2.13 -8.75 -6.14
N PRO A 207 -3.37 -8.44 -5.89
CA PRO A 207 -3.66 -8.22 -4.45
C PRO A 207 -3.52 -9.51 -3.62
N SER A 208 -2.80 -9.44 -2.48
CA SER A 208 -2.64 -10.58 -1.55
C SER A 208 -3.18 -10.36 -0.10
N VAL A 209 -4.09 -9.40 0.08
CA VAL A 209 -4.69 -9.14 1.41
C VAL A 209 -6.20 -8.88 1.24
N ASN A 210 -6.52 -7.83 0.48
CA ASN A 210 -7.90 -7.50 0.14
C ASN A 210 -8.40 -8.46 -0.94
N GLY A 211 -9.18 -9.43 -0.45
CA GLY A 211 -9.83 -10.41 -1.32
C GLY A 211 -10.76 -9.85 -2.36
N LEU A 212 -11.19 -8.58 -2.24
CA LEU A 212 -12.09 -8.04 -3.26
C LEU A 212 -11.41 -7.17 -4.34
N ALA A 213 -10.14 -6.81 -4.13
CA ALA A 213 -9.48 -5.89 -5.07
C ALA A 213 -9.16 -6.64 -6.36
N LEU A 214 -9.25 -5.97 -7.51
CA LEU A 214 -8.73 -6.50 -8.76
C LEU A 214 -7.27 -6.07 -8.97
N ALA A 215 -6.64 -6.67 -9.96
CA ALA A 215 -5.24 -6.41 -10.25
C ALA A 215 -5.00 -5.00 -10.77
N GLU A 216 -3.75 -4.60 -10.62
CA GLU A 216 -3.22 -3.34 -11.18
C GLU A 216 -1.98 -3.70 -12.00
N TYR A 217 -1.66 -2.90 -13.03
CA TYR A 217 -0.60 -3.28 -13.95
C TYR A 217 0.29 -2.07 -14.19
N VAL A 218 1.56 -2.33 -14.51
CA VAL A 218 2.51 -1.27 -14.81
C VAL A 218 3.23 -1.60 -16.09
N ILE A 219 3.29 -0.61 -16.98
CA ILE A 219 4.16 -0.66 -18.16
C ILE A 219 5.23 0.42 -18.06
N TYR A 220 6.33 0.17 -18.73
CA TYR A 220 7.50 1.04 -18.65
C TYR A 220 7.86 1.68 -20.00
N ARG A 221 6.99 1.53 -21.00
CA ARG A 221 7.10 2.12 -22.32
C ARG A 221 5.73 2.69 -22.63
N GLY A 222 5.63 3.99 -22.94
CA GLY A 222 4.33 4.58 -23.26
C GLY A 222 3.67 4.01 -24.50
N GLU A 223 4.46 3.45 -25.40
CA GLU A 223 3.97 2.80 -26.63
C GLU A 223 3.16 1.54 -26.39
N GLN A 224 3.21 0.98 -25.18
CA GLN A 224 2.41 -0.19 -24.82
C GLN A 224 0.99 0.12 -24.33
N ALA A 225 0.51 1.36 -24.48
CA ALA A 225 -0.89 1.67 -24.19
C ALA A 225 -1.42 2.64 -25.22
N TYR A 226 -2.70 2.46 -25.54
CA TYR A 226 -3.45 3.40 -26.42
C TYR A 226 -4.69 3.89 -25.67
N PRO A 227 -4.88 5.21 -25.55
CA PRO A 227 -6.01 5.73 -24.77
C PRO A 227 -7.30 5.67 -25.57
N GLU A 228 -8.02 4.54 -25.56
CA GLU A 228 -9.05 4.31 -26.55
C GLU A 228 -10.38 5.05 -26.32
N TYR A 229 -10.81 5.12 -25.07
CA TYR A 229 -12.06 5.80 -24.71
C TYR A 229 -11.83 6.82 -23.62
N LEU A 230 -12.45 7.97 -23.79
CA LEU A 230 -12.46 9.03 -22.77
C LEU A 230 -13.83 9.07 -22.19
N ILE A 231 -13.89 8.80 -20.89
CA ILE A 231 -15.13 8.71 -20.19
C ILE A 231 -15.31 9.90 -19.25
N THR A 232 -16.39 10.67 -19.47
CA THR A 232 -16.76 11.81 -18.60
C THR A 232 -17.91 11.40 -17.66
N TYR A 233 -17.77 11.64 -16.36
CA TYR A 233 -18.69 11.16 -15.36
C TYR A 233 -18.68 12.01 -14.08
N GLN A 234 -19.67 11.75 -13.25
CA GLN A 234 -19.67 12.20 -11.87
C GLN A 234 -19.75 10.98 -10.98
N ILE A 235 -19.14 11.05 -9.81
CA ILE A 235 -19.45 10.02 -8.80
C ILE A 235 -20.81 10.36 -8.21
N MET A 236 -21.57 9.36 -7.80
CA MET A 236 -22.91 9.61 -7.25
C MET A 236 -22.95 9.42 -5.73
N ARG A 237 -23.56 10.37 -5.03
CA ARG A 237 -23.68 10.27 -3.58
C ARG A 237 -24.63 9.12 -3.25
N PRO A 238 -24.21 8.16 -2.40
CA PRO A 238 -25.13 7.07 -2.00
C PRO A 238 -26.43 7.60 -1.36
N GLU A 239 -27.56 6.95 -1.61
CA GLU A 239 -28.85 7.40 -1.04
C GLU A 239 -29.22 6.55 0.16
N GLY B 30 -14.11 -0.69 11.13
CA GLY B 30 -14.07 0.77 11.26
C GLY B 30 -12.70 1.38 10.95
N THR B 31 -11.76 0.60 10.41
CA THR B 31 -10.43 1.12 10.16
C THR B 31 -10.32 1.68 8.77
N ILE B 32 -9.73 2.86 8.66
CA ILE B 32 -9.31 3.40 7.38
C ILE B 32 -7.81 3.64 7.39
N LEU B 33 -7.22 3.50 6.21
CA LEU B 33 -5.79 3.64 6.01
C LEU B 33 -5.58 4.85 5.14
N ILE B 34 -4.77 5.79 5.62
CA ILE B 34 -4.49 7.03 4.87
C ILE B 34 -3.03 7.07 4.46
N ASP B 35 -2.77 7.14 3.16
CA ASP B 35 -1.39 7.15 2.66
C ASP B 35 -0.71 8.45 3.00
N LEU B 36 0.49 8.37 3.55
CA LEU B 36 1.31 9.55 3.74
C LEU B 36 2.15 9.84 2.52
N SER B 37 2.35 11.12 2.23
CA SER B 37 3.18 11.50 1.11
C SER B 37 4.64 11.39 1.50
N PRO B 38 5.49 10.90 0.61
CA PRO B 38 6.95 10.91 0.92
C PRO B 38 7.53 12.30 1.12
N ASP B 39 6.84 13.33 0.66
CA ASP B 39 7.28 14.69 0.89
C ASP B 39 6.87 15.24 2.26
N ASP B 40 6.09 14.48 3.02
CA ASP B 40 5.57 14.87 4.33
C ASP B 40 6.65 14.57 5.38
N LYS B 41 6.87 15.51 6.31
CA LYS B 41 7.78 15.23 7.41
C LYS B 41 7.38 13.99 8.22
N GLU B 42 6.08 13.73 8.35
CA GLU B 42 5.63 12.54 9.08
C GLU B 42 6.12 11.23 8.43
N PHE B 43 5.99 11.12 7.13
CA PHE B 43 6.55 10.00 6.37
C PHE B 43 8.04 9.90 6.63
N GLN B 44 8.73 11.04 6.53
CA GLN B 44 10.17 11.05 6.60
C GLN B 44 10.66 10.62 7.99
N SER B 45 9.92 11.02 9.02
CA SER B 45 10.27 10.67 10.39
C SER B 45 10.15 9.17 10.62
N VAL B 46 9.05 8.61 10.13
CA VAL B 46 8.84 7.16 10.28
C VAL B 46 9.90 6.37 9.50
N GLU B 47 10.19 6.78 8.28
CA GLU B 47 11.18 6.10 7.48
C GLU B 47 12.54 6.15 8.19
N GLU B 48 12.92 7.32 8.68
CA GLU B 48 14.21 7.45 9.36
C GLU B 48 14.29 6.56 10.62
N GLU B 49 13.19 6.40 11.35
CA GLU B 49 13.21 5.51 12.49
C GLU B 49 13.41 4.06 12.05
N MET B 50 12.76 3.65 10.96
CA MET B 50 12.97 2.31 10.42
C MET B 50 14.43 2.09 10.01
N GLN B 51 14.95 3.01 9.19
CA GLN B 51 16.27 2.82 8.57
C GLN B 51 17.38 2.93 9.62
N SER B 52 17.21 3.81 10.57
CA SER B 52 18.26 4.07 11.56
C SER B 52 18.34 3.02 12.65
N THR B 53 17.37 2.12 12.75
CA THR B 53 17.37 1.09 13.78
C THR B 53 17.59 -0.35 13.23
N VAL B 54 18.11 -0.45 12.02
CA VAL B 54 18.60 -1.71 11.49
C VAL B 54 19.92 -2.06 12.21
N ARG B 55 20.02 -3.29 12.69
CA ARG B 55 21.27 -3.78 13.25
C ARG B 55 21.56 -5.19 12.74
N GLU B 56 22.76 -5.67 13.08
CA GLU B 56 23.12 -7.04 12.78
C GLU B 56 22.52 -7.93 13.84
N HIS B 57 22.15 -9.14 13.43
CA HIS B 57 21.53 -10.11 14.30
C HIS B 57 22.43 -11.34 14.44
N ARG B 58 22.36 -11.98 15.59
CA ARG B 58 23.27 -13.07 15.94
C ARG B 58 22.99 -14.31 15.12
N ASP B 59 21.83 -14.38 14.43
CA ASP B 59 21.55 -15.48 13.52
C ASP B 59 22.10 -15.28 12.10
N GLY B 60 22.89 -14.23 11.91
CA GLY B 60 23.50 -13.98 10.62
C GLY B 60 22.49 -13.65 9.52
N GLY B 61 21.26 -13.27 9.88
CA GLY B 61 20.17 -13.10 8.87
C GLY B 61 19.26 -14.26 8.64
N HIS B 62 19.40 -15.33 9.41
CA HIS B 62 18.57 -16.51 9.18
C HIS B 62 17.07 -16.21 9.22
N ALA B 63 16.62 -15.49 10.25
CA ALA B 63 15.18 -15.28 10.43
C ALA B 63 14.65 -14.18 9.54
N GLY B 64 15.36 -13.05 9.48
CA GLY B 64 14.86 -11.85 8.81
C GLY B 64 15.42 -11.51 7.46
N GLY B 65 16.50 -12.20 7.08
CA GLY B 65 17.25 -11.92 5.88
C GLY B 65 18.48 -11.06 6.05
N ILE B 66 19.25 -10.95 4.99
CA ILE B 66 20.50 -10.19 4.99
C ILE B 66 20.32 -8.84 4.30
N PHE B 67 20.53 -7.78 5.04
CA PHE B 67 20.27 -6.43 4.57
C PHE B 67 20.79 -5.43 5.56
N ASN B 68 21.06 -4.23 5.06
CA ASN B 68 21.48 -3.10 5.89
C ASN B 68 20.47 -1.96 5.86
N ARG B 69 19.57 -1.97 4.87
CA ARG B 69 18.54 -0.96 4.73
C ARG B 69 17.30 -1.51 4.04
N TYR B 70 16.23 -0.71 4.06
CA TYR B 70 14.97 -1.08 3.43
C TYR B 70 14.69 -0.19 2.24
N ASN B 71 13.87 -0.70 1.35
CA ASN B 71 13.19 0.13 0.37
C ASN B 71 11.76 0.35 0.89
N ILE B 72 11.43 1.57 1.34
CA ILE B 72 10.10 1.85 1.87
C ILE B 72 9.17 2.15 0.69
N LEU B 73 8.11 1.38 0.58
CA LEU B 73 7.18 1.51 -0.54
C LEU B 73 5.98 2.41 -0.21
N LYS B 74 5.52 2.33 1.04
CA LYS B 74 4.35 3.08 1.45
C LYS B 74 4.29 3.13 2.99
N ILE B 75 3.83 4.26 3.51
CA ILE B 75 3.53 4.39 4.94
C ILE B 75 2.11 4.93 5.07
N GLN B 76 1.27 4.19 5.78
CA GLN B 76 -0.10 4.58 6.01
C GLN B 76 -0.41 4.82 7.47
N LYS B 77 -1.19 5.86 7.71
CA LYS B 77 -1.77 6.08 9.03
C LYS B 77 -2.96 5.19 9.20
N VAL B 78 -3.06 4.55 10.36
CA VAL B 78 -4.18 3.66 10.68
C VAL B 78 -5.17 4.40 11.57
N CYS B 79 -6.39 4.61 11.09
CA CYS B 79 -7.38 5.42 11.81
C CYS B 79 -8.57 4.56 12.15
N ASN B 80 -8.80 4.37 13.45
CA ASN B 80 -9.95 3.65 13.92
C ASN B 80 -10.36 4.28 15.25
N LYS B 81 -11.53 4.95 15.23
CA LYS B 81 -12.02 5.70 16.39
C LYS B 81 -12.21 4.79 17.60
N LYS B 82 -12.84 3.64 17.42
CA LYS B 82 -13.13 2.77 18.52
C LYS B 82 -11.84 2.21 19.15
N LEU B 83 -10.90 1.77 18.31
CA LEU B 83 -9.61 1.26 18.80
C LEU B 83 -8.81 2.37 19.50
N TRP B 84 -8.87 3.58 18.99
CA TRP B 84 -8.17 4.72 19.58
C TRP B 84 -8.73 5.01 20.98
N GLU B 85 -10.06 5.00 21.11
CA GLU B 85 -10.70 5.25 22.39
C GLU B 85 -10.41 4.14 23.42
N ARG B 86 -10.37 2.90 22.96
CA ARG B 86 -9.98 1.79 23.79
C ARG B 86 -8.53 1.97 24.30
N TYR B 87 -7.65 2.39 23.41
CA TYR B 87 -6.26 2.71 23.78
C TYR B 87 -6.14 3.87 24.80
N THR B 88 -6.81 4.99 24.55
CA THR B 88 -6.66 6.17 25.41
C THR B 88 -7.34 5.96 26.77
N HIS B 89 -8.36 5.10 26.81
CA HIS B 89 -9.00 4.76 28.07
C HIS B 89 -8.03 4.01 28.98
N ARG B 90 -7.38 3.00 28.40
CA ARG B 90 -6.38 2.24 29.13
C ARG B 90 -5.17 3.09 29.49
N ARG B 91 -4.73 3.95 28.58
CA ARG B 91 -3.61 4.85 28.84
C ARG B 91 -3.87 5.73 30.06
N LYS B 92 -5.10 6.19 30.21
CA LYS B 92 -5.47 7.02 31.36
C LYS B 92 -5.42 6.25 32.66
N GLU B 93 -5.91 5.01 32.65
CA GLU B 93 -5.86 4.12 33.82
C GLU B 93 -4.43 3.86 34.22
N VAL B 94 -3.61 3.53 33.22
CA VAL B 94 -2.21 3.24 33.52
C VAL B 94 -1.51 4.48 34.04
N SER B 95 -1.74 5.61 33.39
CA SER B 95 -1.08 6.82 33.79
C SER B 95 -1.44 7.20 35.24
N GLU B 96 -2.71 7.05 35.62
CA GLU B 96 -3.10 7.37 37.02
C GLU B 96 -2.46 6.39 38.00
N GLU B 97 -2.39 5.11 37.65
CA GLU B 97 -1.75 4.11 38.50
C GLU B 97 -0.27 4.40 38.66
N ASN B 98 0.34 4.97 37.64
CA ASN B 98 1.76 5.25 37.64
C ASN B 98 2.07 6.70 37.91
N HIS B 99 1.24 7.32 38.76
CA HIS B 99 1.52 8.64 39.27
C HIS B 99 1.64 9.70 38.17
N ASN B 100 0.65 9.63 37.27
CA ASN B 100 0.48 10.54 36.13
CA ASN B 100 0.50 10.57 36.16
C ASN B 100 1.60 10.42 35.09
N HIS B 101 2.01 9.19 34.80
CA HIS B 101 3.06 8.94 33.79
C HIS B 101 2.70 7.71 32.98
N ALA B 102 2.25 7.93 31.75
CA ALA B 102 1.88 6.83 30.86
C ALA B 102 3.10 6.06 30.38
N ASN B 103 4.24 6.74 30.26
CA ASN B 103 5.51 6.15 29.75
C ASN B 103 5.25 5.58 28.37
N GLU B 104 4.72 6.44 27.51
CA GLU B 104 4.29 6.05 26.15
C GLU B 104 5.43 6.13 25.16
N ARG B 105 5.58 5.06 24.37
CA ARG B 105 6.66 4.98 23.38
C ARG B 105 6.10 4.71 21.97
N MET B 106 6.92 4.94 20.96
CA MET B 106 6.62 4.43 19.59
C MET B 106 7.59 3.29 19.34
N LEU B 107 7.07 2.13 18.98
CA LEU B 107 7.84 0.90 18.89
C LEU B 107 7.32 0.05 17.74
N PHE B 108 8.21 -0.76 17.18
CA PHE B 108 7.88 -1.63 16.04
C PHE B 108 7.22 -2.93 16.46
N HIS B 109 6.40 -3.48 15.55
CA HIS B 109 5.77 -4.79 15.75
C HIS B 109 5.67 -5.46 14.41
N GLY B 110 6.27 -6.63 14.30
CA GLY B 110 6.20 -7.45 13.10
C GLY B 110 5.44 -8.72 13.43
N SER B 111 4.57 -9.16 12.55
CA SER B 111 3.74 -10.31 12.87
C SER B 111 3.01 -10.77 11.64
N PRO B 112 2.77 -12.09 11.51
CA PRO B 112 1.85 -12.49 10.44
C PRO B 112 0.37 -12.03 10.66
N PHE B 113 0.04 -11.52 11.83
CA PHE B 113 -1.30 -11.04 12.12
C PHE B 113 -1.51 -9.55 11.86
N VAL B 114 -0.56 -8.87 11.23
CA VAL B 114 -0.69 -7.41 11.06
CA VAL B 114 -0.64 -7.41 10.96
C VAL B 114 -2.00 -6.99 10.37
N ASN B 115 -2.46 -7.73 9.36
CA ASN B 115 -3.75 -7.36 8.75
C ASN B 115 -4.91 -7.44 9.72
N ALA B 116 -4.91 -8.46 10.58
CA ALA B 116 -5.94 -8.59 11.61
C ALA B 116 -5.81 -7.51 12.70
N ILE B 117 -4.58 -7.20 13.06
CA ILE B 117 -4.36 -6.20 14.10
C ILE B 117 -4.90 -4.80 13.75
N ILE B 118 -4.68 -4.35 12.53
CA ILE B 118 -5.14 -3.03 12.13
C ILE B 118 -6.68 -2.90 12.11
N HIS B 119 -7.37 -4.04 11.99
CA HIS B 119 -8.86 -4.03 11.93
C HIS B 119 -9.47 -4.29 13.28
N LYS B 120 -8.84 -5.15 14.07
CA LYS B 120 -9.42 -5.62 15.30
C LYS B 120 -8.71 -5.15 16.55
N GLY B 121 -7.54 -4.53 16.39
CA GLY B 121 -6.72 -4.13 17.54
C GLY B 121 -5.85 -5.27 18.04
N PHE B 122 -4.93 -4.94 18.93
CA PHE B 122 -4.17 -5.98 19.59
C PHE B 122 -5.03 -6.66 20.67
N ASP B 123 -4.93 -7.98 20.75
CA ASP B 123 -5.42 -8.71 21.95
C ASP B 123 -4.67 -10.04 22.15
N GLU B 124 -5.14 -10.89 23.05
CA GLU B 124 -4.43 -12.12 23.40
C GLU B 124 -4.18 -13.06 22.21
N ARG B 125 -4.99 -12.96 21.15
CA ARG B 125 -4.77 -13.76 19.94
C ARG B 125 -3.42 -13.46 19.28
N HIS B 126 -2.87 -12.28 19.52
CA HIS B 126 -1.63 -11.84 18.85
C HIS B 126 -0.39 -11.97 19.73
N ALA B 127 -0.55 -12.62 20.89
CA ALA B 127 0.56 -12.74 21.84
C ALA B 127 1.50 -13.84 21.41
N TYR B 128 2.75 -13.73 21.86
CA TYR B 128 3.78 -14.74 21.65
C TYR B 128 3.85 -15.57 22.92
N ILE B 129 3.22 -16.74 22.86
CA ILE B 129 3.08 -17.56 24.05
C ILE B 129 4.45 -17.94 24.60
N GLY B 130 5.41 -18.23 23.73
CA GLY B 130 6.72 -18.69 24.19
C GLY B 130 7.81 -17.64 24.31
N GLY B 131 7.44 -16.38 24.45
CA GLY B 131 8.46 -15.36 24.56
C GLY B 131 9.25 -15.42 25.87
N MET B 132 10.46 -14.91 25.83
CA MET B 132 11.34 -14.97 27.00
C MET B 132 10.82 -14.27 28.26
N PHE B 133 9.87 -13.35 28.12
CA PHE B 133 9.26 -12.67 29.27
C PHE B 133 7.80 -13.07 29.42
N GLY B 134 7.48 -14.27 28.97
CA GLY B 134 6.17 -14.82 29.16
C GLY B 134 5.25 -14.46 28.02
N ALA B 135 4.04 -15.01 28.10
CA ALA B 135 3.04 -14.84 27.07
C ALA B 135 2.54 -13.40 27.11
N GLY B 136 2.89 -12.65 26.08
CA GLY B 136 2.59 -11.22 26.04
C GLY B 136 2.75 -10.72 24.62
N ILE B 137 2.52 -9.43 24.41
CA ILE B 137 2.65 -8.85 23.08
C ILE B 137 3.98 -8.06 23.11
N TYR B 138 4.87 -8.41 22.20
CA TYR B 138 6.23 -7.91 22.16
C TYR B 138 6.42 -6.81 21.13
N PHE B 139 7.26 -5.84 21.45
CA PHE B 139 7.56 -4.73 20.57
C PHE B 139 9.06 -4.48 20.63
N ALA B 140 9.61 -3.87 19.60
CA ALA B 140 11.05 -3.66 19.48
C ALA B 140 11.42 -2.24 19.13
N GLU B 141 12.52 -1.75 19.71
CA GLU B 141 13.13 -0.49 19.25
C GLU B 141 13.85 -0.67 17.92
N ASN B 142 14.41 -1.87 17.67
CA ASN B 142 15.09 -2.15 16.40
C ASN B 142 14.07 -2.62 15.38
N SER B 143 13.91 -1.86 14.29
CA SER B 143 13.05 -2.33 13.22
C SER B 143 13.45 -3.70 12.70
N SER B 144 14.76 -3.98 12.64
CA SER B 144 15.23 -5.27 12.14
C SER B 144 14.90 -6.44 13.05
N LYS B 145 14.68 -6.18 14.32
CA LYS B 145 14.20 -7.21 15.24
C LYS B 145 12.76 -7.59 14.87
N SER B 146 11.92 -6.60 14.68
CA SER B 146 10.50 -6.85 14.30
C SER B 146 10.42 -7.50 12.92
N ASN B 147 11.33 -7.12 12.00
CA ASN B 147 11.42 -7.73 10.65
C ASN B 147 11.62 -9.26 10.73
N GLN B 148 12.31 -9.73 11.76
CA GLN B 148 12.48 -11.17 11.96
C GLN B 148 11.21 -11.94 12.15
N TYR B 149 10.11 -11.26 12.47
CA TYR B 149 8.85 -11.91 12.79
C TYR B 149 7.74 -11.74 11.77
N VAL B 150 8.01 -10.99 10.70
CA VAL B 150 7.02 -10.68 9.68
C VAL B 150 6.39 -11.95 9.06
N TYR B 151 7.23 -12.95 8.87
CA TYR B 151 6.78 -14.26 8.34
C TYR B 151 6.60 -15.33 9.39
N GLY B 152 6.57 -14.94 10.67
CA GLY B 152 6.26 -15.87 11.75
C GLY B 152 7.42 -15.94 12.72
N ILE B 153 7.26 -16.71 13.80
CA ILE B 153 8.34 -16.94 14.77
C ILE B 153 9.56 -17.54 14.06
N GLY B 154 10.73 -16.96 14.29
CA GLY B 154 11.98 -17.38 13.61
C GLY B 154 11.99 -17.17 12.09
N GLY B 155 11.10 -16.28 11.60
CA GLY B 155 10.89 -16.06 10.19
C GLY B 155 10.04 -17.11 9.47
N GLY B 156 9.46 -18.07 10.22
CA GLY B 156 8.74 -19.21 9.63
C GLY B 156 9.46 -19.82 8.45
N THR B 157 8.78 -19.96 7.33
CA THR B 157 9.40 -20.51 6.14
C THR B 157 9.67 -19.40 5.12
N GLY B 158 9.64 -18.14 5.57
CA GLY B 158 9.95 -17.01 4.70
C GLY B 158 8.72 -16.66 3.90
N CYS B 159 8.92 -15.94 2.80
CA CYS B 159 7.79 -15.41 2.04
C CYS B 159 6.99 -16.56 1.48
N PRO B 160 5.69 -16.35 1.29
CA PRO B 160 4.83 -17.38 0.72
C PRO B 160 5.27 -17.79 -0.67
N VAL B 161 5.60 -16.82 -1.52
CA VAL B 161 5.84 -17.11 -2.93
C VAL B 161 7.14 -17.87 -3.16
N HIS B 162 8.22 -17.50 -2.47
CA HIS B 162 9.52 -18.12 -2.73
C HIS B 162 10.07 -18.97 -1.58
N LYS B 163 9.38 -19.00 -0.44
CA LYS B 163 9.85 -19.67 0.77
C LYS B 163 11.28 -19.24 1.13
N ASP B 164 11.50 -17.91 1.07
CA ASP B 164 12.82 -17.32 1.26
C ASP B 164 12.70 -16.32 2.41
N ARG B 165 13.38 -16.58 3.52
CA ARG B 165 13.35 -15.63 4.63
C ARG B 165 14.13 -14.35 4.30
N SER B 166 15.03 -14.42 3.29
CA SER B 166 15.76 -13.25 2.84
C SER B 166 15.24 -12.74 1.50
N CYS B 167 13.95 -12.95 1.21
CA CYS B 167 13.42 -12.54 -0.11
C CYS B 167 13.57 -11.04 -0.32
N TYR B 168 14.11 -10.63 -1.48
CA TYR B 168 14.29 -9.22 -1.83
C TYR B 168 13.19 -8.72 -2.76
N ILE B 169 12.30 -9.62 -3.14
CA ILE B 169 11.25 -9.32 -4.11
C ILE B 169 9.94 -9.01 -3.42
N CYS B 170 9.51 -9.89 -2.53
CA CYS B 170 8.20 -9.80 -1.94
C CYS B 170 8.07 -8.65 -0.93
N HIS B 171 6.90 -8.04 -0.92
CA HIS B 171 6.62 -6.88 -0.05
C HIS B 171 6.31 -7.37 1.35
N ARG B 172 6.91 -6.71 2.36
CA ARG B 172 6.68 -6.97 3.76
C ARG B 172 5.92 -5.80 4.38
N GLN B 173 5.29 -6.06 5.51
CA GLN B 173 4.68 -5.00 6.29
C GLN B 173 5.06 -5.08 7.77
N LEU B 174 5.31 -3.92 8.38
CA LEU B 174 5.57 -3.79 9.83
C LEU B 174 4.60 -2.74 10.37
N LEU B 175 4.31 -2.77 11.66
CA LEU B 175 3.59 -1.72 12.33
C LEU B 175 4.53 -0.90 13.18
N PHE B 176 4.28 0.40 13.23
CA PHE B 176 4.99 1.32 14.14
C PHE B 176 3.87 1.83 15.06
N CYS B 177 3.97 1.46 16.33
CA CYS B 177 2.85 1.47 17.27
C CYS B 177 3.06 2.40 18.45
N ARG B 178 1.97 2.97 18.93
CA ARG B 178 2.00 3.72 20.18
C ARG B 178 1.77 2.73 21.30
N VAL B 179 2.69 2.66 22.29
CA VAL B 179 2.62 1.63 23.31
C VAL B 179 2.75 2.30 24.68
N THR B 180 1.82 1.99 25.58
CA THR B 180 1.81 2.54 26.95
C THR B 180 2.55 1.53 27.86
N LEU B 181 3.70 1.93 28.39
CA LEU B 181 4.51 1.04 29.22
C LEU B 181 4.18 1.12 30.71
N GLY B 182 3.72 2.27 31.16
CA GLY B 182 3.47 2.52 32.58
C GLY B 182 4.76 2.29 33.37
N LYS B 183 4.60 1.71 34.56
CA LYS B 183 5.73 1.26 35.38
C LYS B 183 6.29 -0.02 34.78
N SER B 184 7.47 0.05 34.19
CA SER B 184 7.99 -1.09 33.45
C SER B 184 9.07 -1.82 34.25
N PHE B 185 8.94 -3.13 34.33
CA PHE B 185 9.93 -3.98 35.02
C PHE B 185 11.16 -4.22 34.14
N LEU B 186 12.30 -3.79 34.63
CA LEU B 186 13.54 -3.94 33.89
C LEU B 186 14.15 -5.33 34.05
N GLN B 187 14.20 -6.07 32.95
CA GLN B 187 14.83 -7.38 32.91
C GLN B 187 16.02 -7.32 31.98
N PHE B 188 17.19 -7.74 32.45
CA PHE B 188 18.34 -7.85 31.58
C PHE B 188 18.36 -9.25 31.00
N SER B 189 18.67 -9.34 29.72
CA SER B 189 18.68 -10.62 29.03
C SER B 189 20.11 -10.87 28.64
N ALA B 190 20.44 -12.13 28.40
CA ALA B 190 21.81 -12.51 28.10
C ALA B 190 22.11 -12.31 26.60
N MET B 191 21.11 -11.83 25.86
CA MET B 191 21.20 -11.65 24.40
C MET B 191 22.15 -10.51 23.99
N LYS B 192 22.55 -10.43 22.82
N MET B 193 -2.73 -15.05 28.02
CA MET B 193 -1.65 -14.03 28.25
C MET B 193 -1.23 -13.99 29.73
N ALA B 194 0.08 -13.91 29.99
CA ALA B 194 0.61 -13.75 31.35
C ALA B 194 0.12 -12.43 31.98
N HIS B 195 0.35 -12.28 33.28
CA HIS B 195 0.10 -11.03 33.96
C HIS B 195 1.43 -10.32 34.00
N SER B 196 1.38 -8.99 34.11
CA SER B 196 2.60 -8.22 34.31
C SER B 196 3.11 -8.51 35.71
N PRO B 197 4.41 -8.25 35.94
CA PRO B 197 4.94 -8.39 37.29
C PRO B 197 4.09 -7.57 38.24
N PRO B 198 3.86 -8.09 39.46
CA PRO B 198 3.07 -7.29 40.42
C PRO B 198 3.51 -5.83 40.49
N GLY B 199 2.55 -4.91 40.39
CA GLY B 199 2.84 -3.49 40.52
C GLY B 199 3.42 -2.86 39.25
N HIS B 200 3.49 -3.62 38.16
CA HIS B 200 4.10 -3.13 36.91
C HIS B 200 3.07 -3.31 35.78
N HIS B 201 3.24 -2.54 34.71
CA HIS B 201 2.34 -2.54 33.57
C HIS B 201 2.95 -3.13 32.30
N SER B 202 4.24 -3.42 32.37
CA SER B 202 4.99 -3.93 31.24
C SER B 202 6.34 -4.45 31.71
N VAL B 203 7.05 -5.10 30.80
CA VAL B 203 8.43 -5.53 31.00
C VAL B 203 9.32 -4.95 29.92
N THR B 204 10.47 -4.45 30.35
CA THR B 204 11.50 -3.97 29.47
C THR B 204 12.62 -5.02 29.42
N GLY B 205 12.90 -5.56 28.24
CA GLY B 205 13.94 -6.55 28.06
C GLY B 205 15.15 -5.90 27.42
N ARG B 206 16.20 -5.75 28.19
CA ARG B 206 17.37 -5.02 27.71
C ARG B 206 18.55 -5.93 27.53
N PRO B 207 19.10 -6.02 26.32
CA PRO B 207 20.21 -6.93 26.08
C PRO B 207 21.42 -6.47 26.87
N SER B 208 22.00 -7.37 27.66
CA SER B 208 23.13 -7.06 28.54
C SER B 208 24.52 -7.33 27.92
N VAL B 209 24.60 -8.15 26.89
CA VAL B 209 25.91 -8.44 26.27
C VAL B 209 26.13 -7.41 25.16
N ASN B 210 25.47 -7.62 24.03
CA ASN B 210 25.47 -6.67 22.93
C ASN B 210 24.85 -5.29 23.26
N GLY B 211 25.68 -4.33 23.63
CA GLY B 211 25.23 -2.96 23.86
C GLY B 211 24.72 -2.21 22.63
N LEU B 212 24.93 -2.74 21.43
CA LEU B 212 24.30 -2.16 20.19
C LEU B 212 22.89 -2.66 19.95
N ALA B 213 22.48 -3.71 20.63
CA ALA B 213 21.10 -4.19 20.49
C ALA B 213 20.21 -3.31 21.34
N LEU B 214 19.11 -2.83 20.77
CA LEU B 214 18.17 -2.00 21.55
C LEU B 214 17.17 -2.84 22.32
N ALA B 215 16.34 -2.21 23.13
CA ALA B 215 15.44 -2.96 24.01
C ALA B 215 14.24 -3.52 23.29
N GLU B 216 13.64 -4.52 23.93
CA GLU B 216 12.36 -5.07 23.54
C GLU B 216 11.43 -4.83 24.71
N TYR B 217 10.13 -4.81 24.44
CA TYR B 217 9.16 -4.48 25.47
C TYR B 217 7.96 -5.42 25.33
N VAL B 218 7.37 -5.75 26.48
CA VAL B 218 6.24 -6.68 26.54
C VAL B 218 5.11 -6.04 27.30
N ILE B 219 3.89 -6.12 26.74
CA ILE B 219 2.68 -5.74 27.41
C ILE B 219 1.78 -6.95 27.49
N TYR B 220 0.91 -6.92 28.49
CA TYR B 220 0.06 -8.07 28.78
C TYR B 220 -1.42 -7.72 28.62
N ARG B 221 -1.69 -6.54 28.07
CA ARG B 221 -3.05 -6.09 27.78
C ARG B 221 -3.01 -5.49 26.38
N GLY B 222 -3.83 -5.97 25.46
CA GLY B 222 -3.84 -5.42 24.10
C GLY B 222 -4.17 -3.96 24.03
N GLU B 223 -4.97 -3.51 24.99
CA GLU B 223 -5.39 -2.11 25.03
C GLU B 223 -4.25 -1.14 25.31
N GLN B 224 -3.07 -1.65 25.69
CA GLN B 224 -1.92 -0.80 25.87
C GLN B 224 -1.11 -0.54 24.62
N ALA B 225 -1.65 -0.90 23.44
CA ALA B 225 -0.99 -0.53 22.19
C ALA B 225 -1.99 -0.14 21.11
N TYR B 226 -1.56 0.77 20.24
CA TYR B 226 -2.41 1.20 19.12
C TYR B 226 -1.56 1.13 17.90
N PRO B 227 -2.03 0.48 16.82
CA PRO B 227 -1.21 0.28 15.62
C PRO B 227 -1.20 1.51 14.72
N GLU B 228 -0.35 2.48 14.99
CA GLU B 228 -0.54 3.81 14.42
C GLU B 228 -0.16 3.93 12.94
N TYR B 229 0.93 3.26 12.55
CA TYR B 229 1.43 3.33 11.18
C TYR B 229 1.65 1.93 10.63
N LEU B 230 1.27 1.77 9.36
CA LEU B 230 1.50 0.53 8.64
C LEU B 230 2.51 0.82 7.56
N ILE B 231 3.64 0.15 7.64
CA ILE B 231 4.77 0.37 6.73
C ILE B 231 4.89 -0.82 5.79
N THR B 232 4.84 -0.54 4.48
CA THR B 232 5.07 -1.56 3.46
C THR B 232 6.45 -1.35 2.84
N TYR B 233 7.23 -2.42 2.73
CA TYR B 233 8.66 -2.31 2.39
C TYR B 233 9.26 -3.60 1.80
N GLN B 234 10.43 -3.46 1.19
CA GLN B 234 11.30 -4.60 0.90
C GLN B 234 12.61 -4.44 1.68
N ILE B 235 13.23 -5.56 2.05
CA ILE B 235 14.63 -5.52 2.43
C ILE B 235 15.46 -5.40 1.16
N MET B 236 16.59 -4.69 1.25
CA MET B 236 17.47 -4.47 0.09
C MET B 236 18.74 -5.32 0.18
N ARG B 237 19.09 -5.93 -0.94
CA ARG B 237 20.29 -6.78 -0.99
C ARG B 237 21.49 -5.86 -0.88
N PRO B 238 22.43 -6.14 0.05
CA PRO B 238 23.61 -5.24 0.13
C PRO B 238 24.44 -5.28 -1.16
N GLU B 239 25.06 -4.16 -1.55
CA GLU B 239 25.82 -4.09 -2.81
C GLU B 239 27.07 -4.93 -2.70
ZN ZN C . -16.22 20.28 -7.44
S SO4 D . -7.00 0.32 -1.95
O1 SO4 D . -6.39 -0.82 -2.67
O2 SO4 D . -7.18 1.39 -2.90
O3 SO4 D . -5.99 0.71 -0.94
O4 SO4 D . -8.23 -0.16 -1.31
S SO4 E . -26.61 4.10 -4.40
O1 SO4 E . -27.45 3.16 -5.17
O2 SO4 E . -27.42 4.77 -3.36
O3 SO4 E . -26.03 5.11 -5.33
O4 SO4 E . -25.56 3.33 -3.70
C1 GOL F . -15.46 -5.57 -8.46
O1 GOL F . -15.77 -4.19 -8.29
C2 GOL F . -14.80 -5.98 -7.16
O2 GOL F . -13.41 -5.58 -7.19
C3 GOL F . -14.99 -7.48 -6.99
O3 GOL F . -16.38 -7.81 -6.86
C1 GOL G . -5.92 -11.82 -1.79
O1 GOL G . -6.67 -10.68 -2.29
C2 GOL G . -6.91 -12.84 -1.27
O2 GOL G . -7.28 -12.51 0.11
C3 GOL G . -6.29 -14.25 -1.45
O3 GOL G . -5.13 -14.46 -0.60
C1 GOL H . -16.96 3.67 -1.80
O1 GOL H . -17.31 4.78 -1.03
C2 GOL H . -15.73 4.08 -2.59
O2 GOL H . -15.81 3.52 -3.93
C3 GOL H . -14.47 3.63 -1.82
O3 GOL H . -14.64 3.47 -0.40
CL1 TGW I . 0.90 6.43 -13.70
CAB TGW I . -0.08 7.72 -12.91
CAC TGW I . 0.44 9.04 -12.89
CAD TGW I . -0.32 10.06 -12.30
CL2 TGW I . 0.29 11.73 -12.19
CAF TGW I . -1.52 9.82 -11.70
CAG TGW I . -2.02 8.50 -11.70
CAH TGW I . -1.34 7.48 -12.29
CAI TGW I . -1.94 6.17 -12.20
NAJ TGW I . -3.34 6.19 -12.60
CAK TGW I . -4.04 5.02 -12.48
OAL TGW I . -5.18 5.03 -12.92
CAM TGW I . -3.55 4.04 -11.60
CAN TGW I . -4.14 2.78 -11.53
CAO TGW I . -3.65 1.84 -10.60
CAP TGW I . -2.62 2.19 -9.73
NAQ TGW I . -2.01 3.46 -9.81
CAR TGW I . -2.48 4.36 -10.73
NAS TGW I . -1.91 5.60 -10.84
CAT TGW I . -0.54 5.69 -10.27
ZN ZN J . 9.41 -13.83 -2.09
S SO4 K . 19.45 -11.23 17.94
O1 SO4 K . 18.51 -11.35 16.85
O2 SO4 K . 18.81 -10.37 18.94
O3 SO4 K . 20.73 -10.61 17.52
O4 SO4 K . 19.65 -12.55 18.56
S SO4 L . 23.92 -1.47 1.09
O1 SO4 L . 22.47 -1.77 0.82
O2 SO4 L . 24.06 -0.06 1.48
O3 SO4 L . 24.71 -1.77 -0.12
O4 SO4 L . 24.47 -2.34 2.16
C1 GOL M . 20.12 -7.67 8.72
O1 GOL M . 19.73 -6.68 9.65
C2 GOL M . 21.48 -8.24 9.00
O2 GOL M . 22.04 -8.58 7.72
C3 GOL M . 21.32 -9.47 9.92
O3 GOL M . 22.57 -10.00 10.39
CL1 TGW N . 3.95 -10.77 20.11
CAB TGW N . 4.38 -11.50 18.51
CAC TGW N . 3.52 -12.50 18.01
CAD TGW N . 3.79 -13.09 16.76
CL2 TGW N . 2.78 -14.36 16.10
CAF TGW N . 4.87 -12.69 16.00
CAG TGW N . 5.70 -11.70 16.49
CAH TGW N . 5.49 -11.09 17.72
CAI TGW N . 6.45 -10.12 18.15
NAJ TGW N . 6.67 -9.09 17.16
CAK TGW N . 7.74 -8.21 17.36
OAL TGW N . 7.92 -7.30 16.55
CAM TGW N . 8.66 -8.52 18.36
CAN TGW N . 9.56 -7.59 18.80
CAO TGW N . 10.50 -7.94 19.78
CAP TGW N . 10.55 -9.24 20.31
NAQ TGW N . 9.60 -10.16 19.86
CAR TGW N . 8.69 -9.81 18.93
NAS TGW N . 7.78 -10.73 18.49
CAT TGW N . 7.66 -11.89 19.41
#